data_6Z79
#
_entry.id   6Z79
#
_cell.length_a   46.955
_cell.length_b   70.893
_cell.length_c   129.652
_cell.angle_alpha   90.000
_cell.angle_beta   90.000
_cell.angle_gamma   90.000
#
_symmetry.space_group_name_H-M   'P 21 21 2'
#
loop_
_entity.id
_entity.type
_entity.pdbx_description
1 polymer 'Variant surface glycoprotein Sur'
2 branched alpha-D-mannopyranose-(1-3)-[alpha-D-mannopyranose-(1-6)]beta-D-mannopyranose-(1-4)-2-acetamido-2-deoxy-beta-D-glucopyranose-(1-4)-2-acetamido-2-deoxy-beta-D-glucopyranose
3 non-polymer '5-amino-2,4,6-triiodobenzene-1,3-dicarboxylic acid'
4 water water
#
_entity_poly.entity_id   1
_entity_poly.type   'polypeptide(L)'
_entity_poly.pdbx_seq_one_letter_code
;MQAVTRFFRHLITLTAVALLAAFLDTVNAAKDTAAGHVTTPCTEILFDLTLAKHYENQIQAAESALNRNYAAIRSWTLLE
AMSSDGNRQNAYTGLIAYGIQITVNAEQELQGPKQTKLRAAHALRHRAANLSAALQIQAAQQATLTKPTAGGAQTPFSGA
TGTCKYEGITATAGEQSCKYSTEDEEKINAAHMNPEVMTQITTIGDKYLTTITLDAIAGSKGNPTQSSATYAEQDCQDGG
NPGPNFGGANALGLQVTKLGTKATTEKTNLYTAGGTECEHQPGNGPQKTKQRLAYLVCEANKAAIITPTDLQTLTLDALI
SAPEMAAIGDALLTDEPATEKEYSSAQHTQIQQLLKKAYGQTNEQFQKNFIKPLAAQTVKFKIGGAEVSNTVAALMSSPN
SGLALAYHKGKNKLQHQVKPDTPLVESKKGSECQVIEDKEKCKTTYGCELKGDKCVVKMTTKGEVTGTQNTTGSNSFVIK
KAPLLLAFLLF
;
_entity_poly.pdbx_strand_id   A
#
# COMPACT_ATOMS: atom_id res chain seq x y z
N ASP A 32 -6.29 -16.57 5.74
CA ASP A 32 -6.38 -15.10 5.75
C ASP A 32 -5.89 -14.56 7.09
N THR A 33 -4.68 -14.96 7.46
CA THR A 33 -4.09 -14.52 8.72
C THR A 33 -3.94 -13.01 8.77
N ALA A 34 -3.37 -12.41 7.73
CA ALA A 34 -3.15 -10.96 7.73
C ALA A 34 -4.46 -10.19 7.70
N ALA A 35 -5.36 -10.50 6.75
CA ALA A 35 -6.59 -9.75 6.65
C ALA A 35 -7.51 -10.01 7.84
N GLY A 36 -7.46 -11.22 8.41
CA GLY A 36 -8.22 -11.51 9.62
C GLY A 36 -7.82 -10.68 10.81
N HIS A 37 -6.62 -10.08 10.76
CA HIS A 37 -6.12 -9.21 11.82
C HIS A 37 -6.46 -7.75 11.59
N VAL A 38 -7.14 -7.40 10.51
CA VAL A 38 -7.57 -6.03 10.28
C VAL A 38 -8.87 -5.84 11.05
N THR A 39 -8.84 -5.01 12.09
CA THR A 39 -10.03 -4.74 12.90
C THR A 39 -10.21 -3.27 13.19
N THR A 40 -9.34 -2.41 12.69
CA THR A 40 -9.33 -0.99 13.02
C THR A 40 -8.77 -0.23 11.84
N PRO A 41 -9.03 1.08 11.75
CA PRO A 41 -8.39 1.88 10.69
C PRO A 41 -6.89 1.72 10.63
N CYS A 42 -6.23 1.73 11.80
CA CYS A 42 -4.78 1.60 11.83
C CYS A 42 -4.30 0.28 11.27
N THR A 43 -4.97 -0.81 11.62
CA THR A 43 -4.51 -2.09 11.10
C THR A 43 -4.89 -2.29 9.63
N GLU A 44 -5.93 -1.63 9.13
CA GLU A 44 -6.15 -1.67 7.68
C GLU A 44 -5.05 -0.92 6.94
N ILE A 45 -4.65 0.22 7.48
CA ILE A 45 -3.52 0.96 6.92
C ILE A 45 -2.29 0.06 6.85
N LEU A 46 -2.02 -0.70 7.93
CA LEU A 46 -0.84 -1.56 7.94
C LEU A 46 -0.95 -2.67 6.91
N PHE A 47 -2.12 -3.29 6.78
CA PHE A 47 -2.32 -4.29 5.75
C PHE A 47 -2.11 -3.69 4.37
N ASP A 48 -2.73 -2.55 4.11
CA ASP A 48 -2.64 -1.92 2.80
C ASP A 48 -1.21 -1.59 2.43
N LEU A 49 -0.47 -0.96 3.35
CA LEU A 49 0.91 -0.61 3.07
C LEU A 49 1.79 -1.86 2.94
N THR A 50 1.53 -2.88 3.77
CA THR A 50 2.37 -4.08 3.76
C THR A 50 2.16 -4.90 2.49
N LEU A 51 0.93 -4.94 1.98
CA LEU A 51 0.69 -5.66 0.74
C LEU A 51 1.27 -4.89 -0.46
N ALA A 52 1.15 -3.58 -0.48
CA ALA A 52 1.79 -2.77 -1.55
C ALA A 52 3.29 -3.05 -1.64
N LYS A 53 3.98 -3.00 -0.51
CA LYS A 53 5.44 -3.22 -0.47
C LYS A 53 5.75 -4.65 -0.90
N HIS A 54 4.88 -5.57 -0.55
CA HIS A 54 5.08 -6.96 -1.00
C HIS A 54 5.08 -6.99 -2.53
N TYR A 55 4.07 -6.36 -3.16
CA TYR A 55 4.06 -6.32 -4.63
C TYR A 55 5.28 -5.58 -5.15
N GLU A 56 5.64 -4.48 -4.51
CA GLU A 56 6.80 -3.71 -4.95
C GLU A 56 8.08 -4.53 -4.82
N ASN A 57 8.21 -5.32 -3.74
CA ASN A 57 9.42 -6.13 -3.58
C ASN A 57 9.49 -7.24 -4.61
N GLN A 58 8.33 -7.80 -4.97
CA GLN A 58 8.31 -8.83 -5.99
C GLN A 58 8.88 -8.31 -7.30
N ILE A 59 8.51 -7.08 -7.68
CA ILE A 59 9.02 -6.49 -8.91
C ILE A 59 10.49 -6.15 -8.77
N GLN A 60 10.85 -5.51 -7.64
CA GLN A 60 12.26 -5.19 -7.39
C GLN A 60 13.12 -6.44 -7.46
N ALA A 61 12.66 -7.55 -6.88
CA ALA A 61 13.45 -8.79 -6.92
C ALA A 61 13.66 -9.24 -8.36
N ALA A 62 12.60 -9.23 -9.18
CA ALA A 62 12.72 -9.65 -10.57
C ALA A 62 13.64 -8.74 -11.35
N GLU A 63 13.56 -7.43 -11.11
CA GLU A 63 14.43 -6.50 -11.83
C GLU A 63 15.87 -6.61 -11.36
N SER A 64 16.08 -6.94 -10.09
CA SER A 64 17.42 -7.22 -9.63
CA SER A 64 17.43 -7.22 -9.62
C SER A 64 17.99 -8.46 -10.31
N ALA A 65 17.18 -9.51 -10.45
CA ALA A 65 17.63 -10.72 -11.13
C ALA A 65 18.00 -10.42 -12.58
N LEU A 66 17.22 -9.57 -13.27
CA LEU A 66 17.54 -9.21 -14.65
C LEU A 66 18.88 -8.49 -14.74
N ASN A 67 19.12 -7.50 -13.88
CA ASN A 67 20.35 -6.73 -13.96
C ASN A 67 21.57 -7.59 -13.63
N ARG A 68 21.41 -8.52 -12.67
CA ARG A 68 22.47 -9.49 -12.42
C ARG A 68 22.78 -10.29 -13.67
N ASN A 69 21.74 -10.66 -14.43
CA ASN A 69 21.96 -11.48 -15.62
C ASN A 69 22.61 -10.67 -16.74
N TYR A 70 22.24 -9.39 -16.87
CA TYR A 70 22.87 -8.55 -17.86
C TYR A 70 24.32 -8.24 -17.50
N ALA A 71 24.63 -8.11 -16.19
CA ALA A 71 26.02 -7.96 -15.78
C ALA A 71 26.83 -9.23 -16.07
N ALA A 72 26.20 -10.40 -15.97
CA ALA A 72 26.89 -11.64 -16.32
C ALA A 72 27.21 -11.69 -17.81
N ILE A 73 26.26 -11.30 -18.65
CA ILE A 73 26.48 -11.32 -20.09
C ILE A 73 27.60 -10.36 -20.48
N ARG A 74 27.61 -9.17 -19.88
CA ARG A 74 28.72 -8.25 -20.11
C ARG A 74 30.03 -8.84 -19.63
N SER A 75 30.00 -9.59 -18.53
CA SER A 75 31.21 -10.24 -18.01
C SER A 75 31.74 -11.28 -18.99
N TRP A 76 30.83 -12.12 -19.53
CA TRP A 76 31.27 -13.14 -20.47
C TRP A 76 31.66 -12.53 -21.81
N THR A 77 31.09 -11.39 -22.17
CA THR A 77 31.49 -10.73 -23.41
C THR A 77 32.97 -10.33 -23.37
N LEU A 78 33.45 -9.85 -22.21
CA LEU A 78 34.86 -9.50 -22.10
C LEU A 78 35.73 -10.74 -22.14
N LEU A 79 35.27 -11.85 -21.55
CA LEU A 79 36.08 -13.06 -21.50
C LEU A 79 36.21 -13.70 -22.88
N GLU A 80 35.14 -13.66 -23.69
CA GLU A 80 35.25 -14.13 -25.06
C GLU A 80 36.27 -13.33 -25.86
N ALA A 81 36.40 -12.03 -25.54
CA ALA A 81 37.38 -11.18 -26.20
C ALA A 81 38.81 -11.42 -25.72
N MET A 82 38.98 -12.17 -24.63
CA MET A 82 40.30 -12.48 -24.11
C MET A 82 40.76 -13.87 -24.56
N ASN A 87 37.09 -22.44 -29.67
CA ASN A 87 36.50 -23.42 -28.71
C ASN A 87 36.00 -22.73 -27.41
N ARG A 88 36.91 -22.16 -26.63
CA ARG A 88 36.53 -21.26 -25.52
C ARG A 88 35.65 -20.13 -26.02
N GLN A 89 35.99 -19.49 -27.14
CA GLN A 89 35.16 -18.35 -27.63
C GLN A 89 33.75 -18.84 -27.88
N ASN A 90 33.61 -20.00 -28.48
CA ASN A 90 32.27 -20.50 -28.86
C ASN A 90 31.53 -20.86 -27.58
N ALA A 91 32.25 -21.39 -26.60
CA ALA A 91 31.60 -21.72 -25.34
C ALA A 91 31.08 -20.48 -24.63
N TYR A 92 31.93 -19.45 -24.52
CA TYR A 92 31.49 -18.20 -23.92
C TYR A 92 30.30 -17.62 -24.69
N THR A 93 30.33 -17.72 -26.02
CA THR A 93 29.23 -17.21 -26.82
C THR A 93 27.96 -18.03 -26.61
N GLY A 94 28.10 -19.32 -26.31
CA GLY A 94 26.93 -20.11 -25.95
C GLY A 94 26.28 -19.61 -24.67
N LEU A 95 27.09 -19.15 -23.72
CA LEU A 95 26.55 -18.56 -22.50
C LEU A 95 25.90 -17.21 -22.77
N ILE A 96 26.56 -16.38 -23.60
CA ILE A 96 25.99 -15.07 -23.93
C ILE A 96 24.65 -15.24 -24.63
N ALA A 97 24.58 -16.15 -25.59
CA ALA A 97 23.32 -16.40 -26.30
C ALA A 97 22.26 -16.93 -25.35
N TYR A 98 22.62 -17.92 -24.53
CA TYR A 98 21.68 -18.43 -23.54
C TYR A 98 21.26 -17.32 -22.58
N GLY A 99 22.21 -16.49 -22.15
CA GLY A 99 21.88 -15.43 -21.22
C GLY A 99 20.99 -14.37 -21.82
N ILE A 100 21.30 -13.95 -23.05
CA ILE A 100 20.46 -12.97 -23.75
C ILE A 100 19.04 -13.52 -23.92
N GLN A 101 18.92 -14.80 -24.29
CA GLN A 101 17.62 -15.38 -24.58
C GLN A 101 16.72 -15.36 -23.36
N ILE A 102 17.18 -15.96 -22.25
CA ILE A 102 16.31 -16.13 -21.10
C ILE A 102 16.09 -14.82 -20.36
N THR A 103 17.04 -13.88 -20.47
CA THR A 103 16.89 -12.62 -19.77
C THR A 103 15.98 -11.66 -20.51
N VAL A 104 16.11 -11.58 -21.82
CA VAL A 104 15.20 -10.75 -22.61
C VAL A 104 13.78 -11.31 -22.55
N ASN A 105 13.66 -12.64 -22.57
CA ASN A 105 12.35 -13.27 -22.42
C ASN A 105 11.70 -12.88 -21.11
N ALA A 106 12.43 -13.01 -20.00
CA ALA A 106 11.84 -12.72 -18.70
C ALA A 106 11.56 -11.24 -18.53
N GLU A 107 12.38 -10.35 -19.07
CA GLU A 107 12.11 -8.91 -19.03
C GLU A 107 10.79 -8.60 -19.74
N GLN A 108 10.52 -9.27 -20.85
CA GLN A 108 9.28 -9.04 -21.62
C GLN A 108 8.12 -9.65 -20.87
N GLU A 109 8.32 -10.82 -20.31
CA GLU A 109 7.23 -11.51 -19.57
C GLU A 109 6.90 -10.76 -18.29
N LEU A 110 7.80 -9.90 -17.83
CA LEU A 110 7.58 -9.23 -16.55
C LEU A 110 6.63 -8.04 -16.68
N GLN A 111 6.58 -7.41 -17.85
CA GLN A 111 5.95 -6.10 -17.96
C GLN A 111 4.47 -6.16 -17.57
N GLY A 112 3.77 -7.22 -17.98
CA GLY A 112 2.37 -7.35 -17.66
C GLY A 112 2.10 -7.54 -16.18
N PRO A 113 2.69 -8.59 -15.58
CA PRO A 113 2.55 -8.75 -14.13
C PRO A 113 3.04 -7.54 -13.34
N LYS A 114 4.08 -6.87 -13.81
CA LYS A 114 4.56 -5.63 -13.18
C LYS A 114 3.45 -4.61 -13.11
N GLN A 115 2.83 -4.30 -14.25
CA GLN A 115 1.80 -3.25 -14.29
C GLN A 115 0.61 -3.65 -13.42
N THR A 116 0.18 -4.90 -13.46
CA THR A 116 -0.97 -5.37 -12.67
C THR A 116 -0.66 -5.18 -11.18
N LYS A 117 0.50 -5.64 -10.76
CA LYS A 117 0.90 -5.52 -9.34
C LYS A 117 1.05 -4.06 -8.92
N LEU A 118 1.66 -3.25 -9.77
CA LEU A 118 1.85 -1.82 -9.44
C LEU A 118 0.51 -1.11 -9.36
N ARG A 119 -0.43 -1.41 -10.26
CA ARG A 119 -1.75 -0.80 -10.12
C ARG A 119 -2.35 -1.07 -8.75
N ALA A 120 -2.23 -2.31 -8.27
CA ALA A 120 -2.70 -2.62 -6.92
C ALA A 120 -1.88 -1.88 -5.85
N ALA A 121 -0.55 -1.87 -5.96
CA ALA A 121 0.24 -1.21 -4.92
C ALA A 121 -0.08 0.27 -4.83
N HIS A 122 -0.30 0.92 -5.99
CA HIS A 122 -0.70 2.32 -6.00
C HIS A 122 -2.04 2.52 -5.32
N ALA A 123 -3.04 1.69 -5.65
CA ALA A 123 -4.37 1.88 -5.06
C ALA A 123 -4.35 1.58 -3.58
N LEU A 124 -3.59 0.57 -3.15
CA LEU A 124 -3.51 0.27 -1.73
C LEU A 124 -2.83 1.38 -0.96
N ARG A 125 -1.78 1.97 -1.53
CA ARG A 125 -1.16 3.12 -0.87
C ARG A 125 -2.10 4.32 -0.88
N HIS A 126 -2.85 4.52 -1.97
CA HIS A 126 -3.81 5.60 -2.04
C HIS A 126 -4.89 5.43 -0.98
N ARG A 127 -5.40 4.20 -0.84
CA ARG A 127 -6.39 3.92 0.19
C ARG A 127 -5.81 4.16 1.59
N ALA A 128 -4.58 3.70 1.84
CA ALA A 128 -4.02 3.90 3.17
C ALA A 128 -3.88 5.39 3.46
N ALA A 129 -3.47 6.18 2.46
CA ALA A 129 -3.42 7.63 2.64
C ALA A 129 -4.78 8.19 3.03
N ASN A 130 -5.80 7.85 2.28
CA ASN A 130 -7.20 8.18 2.57
C ASN A 130 -7.57 7.88 4.03
N LEU A 131 -7.39 6.63 4.43
CA LEU A 131 -7.75 6.21 5.78
C LEU A 131 -6.98 7.00 6.84
N SER A 132 -5.70 7.27 6.60
CA SER A 132 -4.93 8.05 7.57
CA SER A 132 -4.93 8.05 7.57
C SER A 132 -5.50 9.46 7.72
N ALA A 133 -5.94 10.06 6.61
CA ALA A 133 -6.50 11.41 6.69
C ALA A 133 -7.83 11.40 7.42
N ALA A 134 -8.67 10.40 7.14
CA ALA A 134 -9.95 10.31 7.85
C ALA A 134 -9.73 10.05 9.33
N LEU A 135 -8.74 9.21 9.65
CA LEU A 135 -8.40 8.95 11.05
C LEU A 135 -8.14 10.23 11.80
N GLN A 136 -7.32 11.11 11.21
CA GLN A 136 -6.98 12.36 11.88
C GLN A 136 -8.23 13.20 12.14
N ILE A 137 -9.12 13.27 11.16
CA ILE A 137 -10.35 14.06 11.29
C ILE A 137 -11.31 13.40 12.27
N GLN A 138 -11.44 12.07 12.22
CA GLN A 138 -12.38 11.44 13.12
C GLN A 138 -11.88 11.46 14.56
N ALA A 139 -10.60 11.80 14.78
CA ALA A 139 -10.03 12.01 16.10
C ALA A 139 -10.42 13.35 16.73
N ALA A 140 -11.01 14.26 15.96
CA ALA A 140 -11.44 15.55 16.49
C ALA A 140 -12.77 15.35 17.16
N GLN A 141 -12.72 15.01 18.45
CA GLN A 141 -13.90 14.59 19.17
C GLN A 141 -14.32 15.53 20.28
N GLN A 142 -13.55 16.59 20.53
CA GLN A 142 -13.89 17.57 21.55
C GLN A 142 -14.06 18.93 20.88
N ALA A 143 -15.20 19.57 21.12
CA ALA A 143 -15.52 20.86 20.52
C ALA A 143 -15.10 22.01 21.43
N THR A 144 -14.69 23.10 20.80
CA THR A 144 -14.43 24.36 21.50
C THR A 144 -15.53 25.33 21.12
N LEU A 145 -16.30 25.76 22.11
CA LEU A 145 -17.39 26.67 21.88
C LEU A 145 -16.88 28.09 21.71
N THR A 146 -17.63 28.81 20.92
CA THR A 146 -17.45 30.27 20.70
C THR A 146 -18.39 31.07 21.59
N LYS A 147 -18.09 32.36 21.71
CA LYS A 147 -19.00 33.35 22.30
C LYS A 147 -20.26 33.43 21.47
N PRO A 148 -21.40 33.11 22.08
CA PRO A 148 -22.64 33.14 21.38
C PRO A 148 -23.21 34.55 21.22
N THR A 149 -24.33 34.63 20.53
CA THR A 149 -25.06 35.89 20.44
C THR A 149 -26.52 35.61 20.71
N ALA A 150 -27.11 36.40 21.60
CA ALA A 150 -28.50 36.17 21.98
C ALA A 150 -29.44 36.87 21.02
N GLY A 151 -30.62 36.28 20.85
CA GLY A 151 -31.64 36.88 20.05
C GLY A 151 -33.01 36.42 20.51
N GLY A 152 -34.03 36.90 19.81
CA GLY A 152 -35.36 36.41 19.99
C GLY A 152 -35.68 35.42 18.89
N ALA A 153 -36.88 35.51 18.33
CA ALA A 153 -37.24 34.67 17.20
C ALA A 153 -36.33 34.97 16.02
N GLN A 154 -35.75 33.93 15.44
CA GLN A 154 -34.96 34.07 14.23
C GLN A 154 -34.80 32.69 13.60
N THR A 155 -34.62 32.68 12.29
CA THR A 155 -34.29 31.48 11.53
C THR A 155 -33.23 30.66 12.26
N PRO A 156 -33.44 29.35 12.49
CA PRO A 156 -34.61 28.56 12.10
C PRO A 156 -35.56 28.27 13.25
N PHE A 157 -35.65 29.18 14.21
CA PHE A 157 -36.63 29.10 15.29
C PHE A 157 -37.51 30.34 15.27
N SER A 158 -38.33 30.45 14.23
CA SER A 158 -39.23 31.59 14.12
C SER A 158 -40.24 31.66 15.25
N GLY A 159 -40.52 30.54 15.92
CA GLY A 159 -41.44 30.51 17.04
C GLY A 159 -40.82 30.60 18.43
N ALA A 160 -39.50 30.68 18.52
CA ALA A 160 -38.84 30.80 19.82
C ALA A 160 -38.94 32.23 20.36
N THR A 161 -39.05 32.35 21.68
CA THR A 161 -38.90 33.64 22.33
C THR A 161 -37.44 33.96 22.64
N GLY A 162 -36.58 32.95 22.64
CA GLY A 162 -35.17 33.18 22.89
C GLY A 162 -34.28 32.26 22.11
N THR A 163 -33.18 32.82 21.55
CA THR A 163 -32.19 32.05 20.83
C THR A 163 -30.79 32.46 21.25
N CYS A 164 -29.85 31.53 21.13
CA CYS A 164 -28.44 31.71 21.46
C CYS A 164 -27.62 31.11 20.34
N LYS A 165 -27.03 31.95 19.49
CA LYS A 165 -26.44 31.50 18.23
C LYS A 165 -24.93 31.45 18.31
N TYR A 166 -24.35 30.31 17.91
CA TYR A 166 -22.91 30.11 17.92
C TYR A 166 -22.40 29.96 16.50
N GLU A 167 -21.32 30.67 16.17
CA GLU A 167 -20.65 30.53 14.89
C GLU A 167 -19.22 30.08 15.11
N GLY A 168 -18.71 29.27 14.19
CA GLY A 168 -17.32 28.85 14.27
C GLY A 168 -16.96 27.97 15.45
N ILE A 169 -17.89 27.13 15.92
CA ILE A 169 -17.50 26.03 16.81
C ILE A 169 -16.55 25.11 16.07
N THR A 170 -15.44 24.74 16.71
CA THR A 170 -14.44 23.95 16.03
C THR A 170 -14.08 22.73 16.87
N ALA A 171 -13.56 21.71 16.19
CA ALA A 171 -13.02 20.53 16.85
C ALA A 171 -11.79 20.08 16.09
N THR A 172 -10.71 19.84 16.82
CA THR A 172 -9.42 19.45 16.27
C THR A 172 -8.75 18.51 17.26
N ALA A 173 -7.87 17.66 16.76
CA ALA A 173 -7.09 16.76 17.61
C ALA A 173 -5.62 16.98 17.34
N GLY A 174 -4.80 16.63 18.34
CA GLY A 174 -3.37 16.55 18.12
C GLY A 174 -3.04 15.58 17.00
N GLU A 175 -1.79 15.63 16.57
CA GLU A 175 -1.32 14.72 15.53
C GLU A 175 -1.54 13.27 15.94
N GLN A 176 -2.25 12.51 15.11
CA GLN A 176 -2.50 11.10 15.41
C GLN A 176 -1.40 10.24 14.80
N SER A 177 -1.13 9.10 15.45
CA SER A 177 -0.19 8.11 14.94
C SER A 177 -0.63 6.71 15.33
N CYS A 178 -0.49 5.77 14.39
CA CYS A 178 -0.76 4.35 14.63
C CYS A 178 0.43 3.66 15.29
N LYS A 179 0.21 3.09 16.46
CA LYS A 179 1.26 2.35 17.14
C LYS A 179 0.90 0.88 17.14
N TYR A 180 1.66 0.09 16.40
CA TYR A 180 1.41 -1.33 16.24
C TYR A 180 2.16 -2.14 17.28
N SER A 181 1.56 -3.25 17.66
CA SER A 181 2.16 -4.20 18.57
C SER A 181 3.10 -5.13 17.81
N THR A 182 3.87 -5.92 18.54
CA THR A 182 4.76 -6.90 17.89
C THR A 182 3.93 -7.91 17.08
N GLU A 183 2.79 -8.31 17.59
CA GLU A 183 1.95 -9.35 16.93
C GLU A 183 1.28 -8.77 15.67
N ASP A 184 0.87 -7.52 15.74
CA ASP A 184 0.30 -6.81 14.59
C ASP A 184 1.28 -6.98 13.43
N GLU A 185 2.55 -6.68 13.68
CA GLU A 185 3.49 -6.77 12.57
C GLU A 185 3.91 -8.19 12.26
N GLU A 186 3.73 -9.12 13.20
CA GLU A 186 3.93 -10.53 12.87
C GLU A 186 2.75 -11.06 12.05
N LYS A 187 1.52 -10.70 12.43
CA LYS A 187 0.34 -11.15 11.70
C LYS A 187 0.19 -10.46 10.36
N ILE A 188 0.36 -9.13 10.33
CA ILE A 188 0.14 -8.34 9.11
C ILE A 188 1.52 -8.15 8.49
N ASN A 189 1.92 -9.14 7.69
CA ASN A 189 3.29 -9.35 7.29
C ASN A 189 3.31 -9.93 5.88
N ALA A 190 4.33 -9.55 5.11
CA ALA A 190 4.51 -10.09 3.76
C ALA A 190 4.63 -11.61 3.79
N ALA A 191 5.12 -12.19 4.88
CA ALA A 191 5.19 -13.64 5.00
C ALA A 191 3.81 -14.29 4.95
N HIS A 192 2.76 -13.55 5.30
CA HIS A 192 1.39 -14.05 5.26
C HIS A 192 0.62 -13.55 4.04
N MET A 193 1.31 -13.14 2.99
CA MET A 193 0.64 -12.59 1.82
C MET A 193 0.99 -13.34 0.55
N ASN A 194 1.24 -14.63 0.68
CA ASN A 194 1.37 -15.46 -0.50
C ASN A 194 -0.03 -15.64 -1.10
N PRO A 195 -0.15 -15.68 -2.43
CA PRO A 195 -1.48 -15.76 -3.04
C PRO A 195 -2.30 -16.95 -2.58
N GLU A 196 -1.64 -18.06 -2.24
CA GLU A 196 -2.35 -19.30 -1.92
C GLU A 196 -3.17 -19.19 -0.64
N VAL A 197 -2.86 -18.21 0.22
CA VAL A 197 -3.52 -18.10 1.51
C VAL A 197 -4.46 -16.91 1.57
N MET A 198 -4.62 -16.14 0.50
CA MET A 198 -5.42 -14.92 0.51
C MET A 198 -6.73 -15.14 -0.24
N THR A 199 -7.85 -14.93 0.46
CA THR A 199 -9.17 -15.09 -0.16
C THR A 199 -10.09 -13.89 0.03
N GLN A 200 -9.70 -12.91 0.85
N GLN A 200 -9.75 -12.98 0.95
CA GLN A 200 -10.58 -11.77 1.12
CA GLN A 200 -10.60 -11.79 1.24
C GLN A 200 -9.74 -10.62 1.65
C GLN A 200 -9.74 -10.61 1.69
N ILE A 201 -10.30 -9.41 1.53
CA ILE A 201 -9.75 -8.27 2.24
C ILE A 201 -10.83 -7.72 3.16
N THR A 202 -10.38 -7.00 4.19
CA THR A 202 -11.20 -6.35 5.19
C THR A 202 -10.91 -4.86 5.09
N THR A 203 -11.97 -4.05 5.02
CA THR A 203 -11.80 -2.61 4.89
C THR A 203 -12.71 -1.90 5.87
N ILE A 204 -12.32 -0.68 6.20
CA ILE A 204 -13.17 0.20 7.00
C ILE A 204 -14.33 0.67 6.15
N GLY A 205 -15.53 0.71 6.75
CA GLY A 205 -16.71 1.14 6.00
C GLY A 205 -16.63 2.59 5.61
N ASP A 206 -17.35 2.93 4.52
CA ASP A 206 -17.21 4.24 3.88
C ASP A 206 -17.61 5.40 4.81
N LYS A 207 -18.57 5.18 5.71
CA LYS A 207 -19.01 6.27 6.58
C LYS A 207 -17.84 6.93 7.33
N TYR A 208 -16.80 6.15 7.62
CA TYR A 208 -15.66 6.70 8.35
C TYR A 208 -14.95 7.77 7.55
N LEU A 209 -15.01 7.68 6.22
CA LEU A 209 -14.34 8.59 5.31
C LEU A 209 -15.25 9.70 4.79
N THR A 210 -16.54 9.65 5.07
CA THR A 210 -17.48 10.61 4.50
C THR A 210 -18.36 11.34 5.50
N THR A 211 -18.48 10.86 6.73
CA THR A 211 -19.53 11.30 7.62
C THR A 211 -18.96 11.89 8.89
N ILE A 212 -19.46 13.08 9.25
CA ILE A 212 -19.26 13.68 10.57
C ILE A 212 -20.43 13.30 11.46
N THR A 213 -20.12 12.91 12.70
CA THR A 213 -21.12 12.51 13.68
C THR A 213 -20.88 13.33 14.95
N LEU A 214 -21.96 13.72 15.62
CA LEU A 214 -21.81 14.50 16.84
C LEU A 214 -23.05 14.35 17.71
N ASP A 215 -22.86 14.61 19.00
CA ASP A 215 -23.91 14.74 20.00
C ASP A 215 -23.98 16.19 20.43
N ALA A 216 -25.20 16.65 20.73
CA ALA A 216 -25.38 18.04 21.12
C ALA A 216 -26.59 18.12 22.04
N ILE A 217 -26.57 19.11 22.92
CA ILE A 217 -27.62 19.29 23.91
C ILE A 217 -27.85 20.79 24.12
N ALA A 218 -29.12 21.18 24.19
CA ALA A 218 -29.53 22.53 24.55
C ALA A 218 -30.00 22.57 25.99
N GLY A 219 -29.78 23.70 26.66
CA GLY A 219 -30.25 23.89 28.01
C GLY A 219 -30.96 25.23 28.15
N SER A 220 -32.03 25.23 28.94
CA SER A 220 -32.83 26.44 29.13
C SER A 220 -33.18 26.61 30.60
N LYS A 221 -33.27 27.87 31.02
CA LYS A 221 -33.72 28.20 32.36
C LYS A 221 -34.42 29.54 32.30
N GLY A 222 -35.59 29.64 32.93
CA GLY A 222 -36.28 30.92 32.99
C GLY A 222 -36.79 31.36 31.63
N ASN A 223 -36.65 32.66 31.35
CA ASN A 223 -37.21 33.30 30.17
C ASN A 223 -36.08 33.94 29.35
N PRO A 224 -35.31 33.15 28.63
CA PRO A 224 -34.22 33.72 27.82
C PRO A 224 -34.78 34.43 26.60
N THR A 225 -34.24 35.63 26.33
CA THR A 225 -34.67 36.46 25.20
C THR A 225 -33.44 37.08 24.56
N GLN A 226 -33.68 38.10 23.73
CA GLN A 226 -32.57 38.83 23.12
C GLN A 226 -31.77 39.61 24.16
N SER A 227 -32.35 39.89 25.31
CA SER A 227 -31.68 40.63 26.37
C SER A 227 -30.75 39.75 27.22
N SER A 228 -30.70 38.44 26.97
CA SER A 228 -29.78 37.56 27.69
C SER A 228 -28.39 37.66 27.06
N ALA A 229 -27.77 38.82 27.21
CA ALA A 229 -26.55 39.16 26.50
C ALA A 229 -25.31 39.10 27.38
N THR A 230 -25.35 38.36 28.47
CA THR A 230 -24.18 38.12 29.30
C THR A 230 -23.58 36.79 28.87
N TYR A 231 -22.42 36.83 28.21
CA TYR A 231 -21.86 35.66 27.54
C TYR A 231 -20.66 35.08 28.29
N ALA A 232 -20.52 35.37 29.58
CA ALA A 232 -19.32 34.96 30.32
C ALA A 232 -19.12 33.45 30.30
N GLU A 233 -20.22 32.68 30.37
CA GLU A 233 -20.15 31.23 30.43
C GLU A 233 -20.28 30.56 29.06
N GLN A 234 -20.09 31.33 27.99
CA GLN A 234 -20.31 30.90 26.60
C GLN A 234 -21.73 30.40 26.39
N ASP A 235 -22.67 31.01 27.10
CA ASP A 235 -24.09 30.86 26.84
C ASP A 235 -24.71 32.25 26.96
N CYS A 236 -26.03 32.30 26.91
CA CYS A 236 -26.79 33.55 26.91
C CYS A 236 -27.54 33.66 28.24
N GLN A 237 -27.13 34.60 29.07
CA GLN A 237 -27.75 34.75 30.40
C GLN A 237 -28.11 36.20 30.71
N ASP A 238 -29.16 36.39 31.51
CA ASP A 238 -29.54 37.73 32.03
C ASP A 238 -30.40 37.47 33.26
N GLY A 239 -30.57 38.49 34.10
CA GLY A 239 -31.46 38.33 35.25
C GLY A 239 -30.68 37.82 36.43
N GLY A 240 -31.00 38.32 37.63
CA GLY A 240 -30.33 37.79 38.82
C GLY A 240 -28.83 38.01 38.76
N ASN A 241 -28.08 36.96 39.09
CA ASN A 241 -26.62 36.98 39.07
C ASN A 241 -26.15 35.95 38.04
N PRO A 242 -25.97 36.36 36.78
CA PRO A 242 -25.42 35.44 35.78
C PRO A 242 -24.07 34.90 36.23
N GLY A 243 -23.77 33.68 35.79
CA GLY A 243 -22.59 32.98 36.24
C GLY A 243 -22.62 31.52 35.85
N PRO A 244 -21.70 30.74 36.42
CA PRO A 244 -21.59 29.32 36.03
C PRO A 244 -22.87 28.55 36.33
N ASN A 245 -23.08 27.47 35.57
CA ASN A 245 -24.19 26.54 35.78
C ASN A 245 -25.52 27.26 35.75
N PHE A 246 -25.70 28.15 34.76
CA PHE A 246 -26.94 28.93 34.59
C PHE A 246 -27.27 29.71 35.87
N GLY A 247 -26.30 30.50 36.34
CA GLY A 247 -26.50 31.26 37.57
C GLY A 247 -27.56 32.34 37.47
N GLY A 248 -27.76 32.89 36.28
CA GLY A 248 -28.72 33.96 36.11
C GLY A 248 -30.16 33.48 36.04
N ALA A 249 -31.08 34.44 36.09
CA ALA A 249 -32.51 34.13 36.08
C ALA A 249 -32.92 33.45 34.77
N ASN A 250 -32.51 34.01 33.64
CA ASN A 250 -32.80 33.45 32.33
C ASN A 250 -31.51 33.03 31.65
N ALA A 251 -31.50 31.82 31.11
CA ALA A 251 -30.32 31.28 30.47
C ALA A 251 -30.72 30.45 29.25
N LEU A 252 -29.81 30.38 28.29
CA LEU A 252 -30.00 29.56 27.10
C LEU A 252 -28.65 29.27 26.47
N GLY A 253 -28.39 28.00 26.19
CA GLY A 253 -27.11 27.63 25.60
C GLY A 253 -27.15 26.23 25.05
N LEU A 254 -26.08 25.88 24.34
CA LEU A 254 -25.92 24.52 23.87
C LEU A 254 -24.45 24.13 23.99
N GLN A 255 -24.21 22.83 23.96
CA GLN A 255 -22.86 22.30 23.89
C GLN A 255 -22.82 21.16 22.90
N VAL A 256 -21.77 21.10 22.11
CA VAL A 256 -21.46 19.92 21.32
C VAL A 256 -20.61 19.04 22.22
N THR A 257 -21.20 17.96 22.74
CA THR A 257 -20.56 17.18 23.79
C THR A 257 -19.58 16.15 23.27
N LYS A 258 -19.68 15.76 22.00
CA LYS A 258 -18.84 14.72 21.44
C LYS A 258 -18.97 14.73 19.92
N LEU A 259 -17.86 14.46 19.22
CA LEU A 259 -17.86 14.23 17.78
C LEU A 259 -17.11 12.94 17.50
N GLY A 260 -17.25 12.44 16.27
CA GLY A 260 -16.48 11.28 15.83
C GLY A 260 -17.37 10.15 15.36
N THR A 261 -17.01 9.64 14.19
CA THR A 261 -17.70 8.53 13.50
C THR A 261 -17.00 7.21 13.85
N LYS A 262 -17.77 6.28 14.33
CA LYS A 262 -17.30 4.92 14.68
C LYS A 262 -16.96 4.17 13.40
N ALA A 263 -15.78 3.61 13.42
CA ALA A 263 -15.32 2.76 12.33
C ALA A 263 -16.04 1.43 12.42
N THR A 264 -16.38 0.90 11.26
CA THR A 264 -16.84 -0.49 11.17
C THR A 264 -15.96 -1.22 10.18
N THR A 265 -16.05 -2.55 10.15
CA THR A 265 -15.28 -3.34 9.19
C THR A 265 -16.19 -4.12 8.25
N GLU A 266 -15.68 -4.42 7.06
CA GLU A 266 -16.42 -5.13 6.02
C GLU A 266 -15.52 -6.12 5.32
N LYS A 267 -16.04 -7.30 5.01
CA LYS A 267 -15.31 -8.30 4.26
C LYS A 267 -15.70 -8.29 2.78
N THR A 268 -14.71 -8.46 1.91
CA THR A 268 -14.89 -8.53 0.46
C THR A 268 -14.05 -9.69 -0.06
N ASN A 269 -14.67 -10.65 -0.74
CA ASN A 269 -13.87 -11.78 -1.22
C ASN A 269 -13.13 -11.42 -2.51
N LEU A 270 -11.99 -12.08 -2.71
CA LEU A 270 -11.17 -11.81 -3.88
C LEU A 270 -11.65 -12.58 -5.10
N TYR A 271 -12.14 -13.80 -4.89
CA TYR A 271 -12.48 -14.70 -5.98
C TYR A 271 -13.98 -14.93 -6.02
N THR A 272 -14.44 -15.35 -7.20
CA THR A 272 -15.81 -15.82 -7.34
C THR A 272 -16.03 -17.07 -6.48
N ALA A 273 -17.30 -17.50 -6.42
CA ALA A 273 -17.66 -18.68 -5.65
C ALA A 273 -16.80 -19.88 -6.03
N GLY A 274 -16.57 -20.08 -7.33
CA GLY A 274 -15.79 -21.22 -7.76
C GLY A 274 -14.36 -21.18 -7.29
N GLY A 275 -13.82 -19.97 -7.10
CA GLY A 275 -12.48 -19.78 -6.60
C GLY A 275 -11.44 -19.53 -7.67
N THR A 276 -11.81 -19.62 -8.95
CA THR A 276 -10.83 -19.42 -10.02
C THR A 276 -10.77 -17.96 -10.48
N GLU A 277 -11.91 -17.33 -10.74
CA GLU A 277 -11.97 -16.01 -11.32
C GLU A 277 -11.98 -14.92 -10.24
N CYS A 278 -11.41 -13.77 -10.59
CA CYS A 278 -11.45 -12.60 -9.74
C CYS A 278 -12.85 -12.01 -9.69
N GLU A 279 -13.33 -11.72 -8.49
N GLU A 279 -13.35 -11.77 -8.48
CA GLU A 279 -14.63 -11.09 -8.32
CA GLU A 279 -14.66 -11.11 -8.26
C GLU A 279 -14.52 -9.58 -8.54
C GLU A 279 -14.50 -9.59 -8.48
N HIS A 280 -15.64 -8.89 -8.63
CA HIS A 280 -15.65 -7.42 -8.64
C HIS A 280 -14.99 -6.86 -9.91
N GLN A 281 -15.10 -7.61 -11.01
N GLN A 281 -15.12 -7.60 -11.02
CA GLN A 281 -14.67 -7.13 -12.33
CA GLN A 281 -14.66 -7.11 -12.34
C GLN A 281 -15.27 -5.75 -12.58
C GLN A 281 -15.28 -5.74 -12.56
N PRO A 282 -14.47 -4.77 -13.00
CA PRO A 282 -15.00 -3.51 -13.48
C PRO A 282 -15.83 -3.56 -14.77
N GLY A 283 -16.67 -2.55 -15.00
CA GLY A 283 -17.42 -2.49 -16.24
C GLY A 283 -18.82 -3.03 -16.15
N ASN A 284 -19.31 -3.34 -14.94
CA ASN A 284 -20.60 -3.98 -14.73
C ASN A 284 -21.53 -3.14 -13.87
N GLY A 285 -21.22 -1.85 -13.67
CA GLY A 285 -22.01 -0.99 -12.84
C GLY A 285 -21.15 -0.32 -11.78
N PRO A 286 -21.72 0.60 -11.02
CA PRO A 286 -20.94 1.31 -9.99
C PRO A 286 -20.42 0.35 -8.92
N GLN A 287 -19.21 0.64 -8.42
CA GLN A 287 -18.55 -0.18 -7.43
C GLN A 287 -18.10 0.66 -6.24
N LYS A 288 -18.02 0.03 -5.08
CA LYS A 288 -17.45 0.63 -3.89
C LYS A 288 -15.93 0.44 -3.88
N THR A 289 -15.25 1.21 -3.04
CA THR A 289 -13.80 1.17 -2.94
C THR A 289 -13.31 -0.24 -2.62
N LYS A 290 -13.93 -0.88 -1.63
CA LYS A 290 -13.54 -2.24 -1.24
C LYS A 290 -13.60 -3.20 -2.42
N GLN A 291 -14.55 -3.02 -3.33
CA GLN A 291 -14.71 -3.92 -4.49
C GLN A 291 -13.59 -3.69 -5.51
N ARG A 292 -13.28 -2.44 -5.77
CA ARG A 292 -12.18 -2.11 -6.72
C ARG A 292 -10.86 -2.62 -6.16
N LEU A 293 -10.62 -2.37 -4.88
CA LEU A 293 -9.39 -2.86 -4.24
C LEU A 293 -9.34 -4.38 -4.33
N ALA A 294 -10.46 -5.05 -4.01
CA ALA A 294 -10.43 -6.51 -4.01
C ALA A 294 -10.14 -7.05 -5.40
N TYR A 295 -10.67 -6.40 -6.44
CA TYR A 295 -10.39 -6.81 -7.80
C TYR A 295 -8.90 -6.68 -8.11
N LEU A 296 -8.33 -5.51 -7.81
CA LEU A 296 -6.93 -5.28 -8.12
C LEU A 296 -6.01 -6.20 -7.34
N VAL A 297 -6.32 -6.46 -6.06
CA VAL A 297 -5.49 -7.34 -5.24
C VAL A 297 -5.56 -8.77 -5.77
N CYS A 298 -6.74 -9.18 -6.22
CA CYS A 298 -6.90 -10.50 -6.84
C CYS A 298 -6.04 -10.60 -8.09
N GLU A 299 -6.12 -9.60 -8.97
CA GLU A 299 -5.35 -9.67 -10.21
C GLU A 299 -3.86 -9.60 -9.93
N ALA A 300 -3.44 -8.79 -8.94
CA ALA A 300 -2.03 -8.74 -8.60
C ALA A 300 -1.55 -10.07 -8.03
N ASN A 301 -2.39 -10.70 -7.19
CA ASN A 301 -2.04 -12.01 -6.66
C ASN A 301 -1.92 -13.06 -7.75
N LYS A 302 -2.71 -12.93 -8.83
CA LYS A 302 -2.66 -13.94 -9.89
C LYS A 302 -1.58 -13.65 -10.92
N ALA A 303 -1.09 -12.42 -11.00
CA ALA A 303 -0.06 -12.07 -11.97
C ALA A 303 1.28 -12.66 -11.58
N ALA A 304 1.55 -13.90 -11.99
CA ALA A 304 2.79 -14.58 -11.61
C ALA A 304 3.97 -14.03 -12.39
N ILE A 305 5.10 -13.91 -11.71
CA ILE A 305 6.35 -13.44 -12.31
C ILE A 305 7.24 -14.63 -12.58
N ILE A 306 7.69 -14.77 -13.83
CA ILE A 306 8.63 -15.81 -14.21
C ILE A 306 10.05 -15.27 -13.98
N THR A 307 10.72 -15.82 -12.98
CA THR A 307 12.10 -15.42 -12.73
C THR A 307 13.04 -16.31 -13.53
N PRO A 308 13.96 -15.75 -14.32
CA PRO A 308 14.90 -16.57 -15.09
C PRO A 308 16.00 -17.11 -14.20
N THR A 309 16.80 -18.00 -14.78
CA THR A 309 17.90 -18.61 -14.06
C THR A 309 18.98 -17.56 -13.76
N ASP A 310 19.49 -17.60 -12.53
CA ASP A 310 20.59 -16.74 -12.12
C ASP A 310 21.87 -17.18 -12.83
N LEU A 311 22.35 -16.36 -13.78
CA LEU A 311 23.52 -16.71 -14.55
C LEU A 311 24.80 -16.73 -13.72
N GLN A 312 24.91 -15.85 -12.71
CA GLN A 312 26.14 -15.76 -11.95
C GLN A 312 26.31 -16.91 -10.95
N THR A 313 25.24 -17.64 -10.65
CA THR A 313 25.34 -18.85 -9.83
C THR A 313 24.95 -20.10 -10.60
N LEU A 314 24.98 -20.03 -11.93
CA LEU A 314 24.56 -21.15 -12.77
C LEU A 314 25.44 -22.37 -12.53
N THR A 315 24.78 -23.52 -12.49
CA THR A 315 25.49 -24.81 -12.32
C THR A 315 25.57 -25.48 -13.68
N LEU A 316 26.44 -26.48 -13.82
CA LEU A 316 26.54 -27.21 -15.10
C LEU A 316 25.24 -27.93 -15.40
N ASP A 317 24.71 -28.69 -14.44
CA ASP A 317 23.51 -29.50 -14.72
C ASP A 317 22.35 -28.56 -15.01
N ALA A 318 22.37 -27.33 -14.54
CA ALA A 318 21.32 -26.37 -14.92
C ALA A 318 21.46 -26.01 -16.41
N LEU A 319 22.68 -25.76 -16.86
CA LEU A 319 22.90 -25.36 -18.27
C LEU A 319 22.63 -26.54 -19.18
N ILE A 320 23.08 -27.73 -18.80
CA ILE A 320 22.85 -28.95 -19.62
C ILE A 320 21.35 -29.19 -19.71
N SER A 321 20.62 -29.09 -18.60
CA SER A 321 19.19 -29.36 -18.56
C SER A 321 18.34 -28.24 -19.14
N ALA A 322 18.93 -27.06 -19.38
CA ALA A 322 18.16 -25.96 -19.92
C ALA A 322 17.71 -26.29 -21.34
N PRO A 323 16.41 -26.18 -21.66
CA PRO A 323 15.96 -26.56 -23.00
C PRO A 323 16.48 -25.64 -24.10
N GLU A 324 16.70 -24.36 -23.80
CA GLU A 324 17.21 -23.43 -24.81
C GLU A 324 18.62 -23.81 -25.26
N MET A 325 19.38 -24.48 -24.40
CA MET A 325 20.75 -24.86 -24.75
C MET A 325 20.82 -26.00 -25.76
N ALA A 326 19.70 -26.67 -26.05
CA ALA A 326 19.70 -27.68 -27.11
C ALA A 326 19.97 -27.04 -28.46
N ALA A 327 19.16 -26.06 -28.84
CA ALA A 327 19.35 -25.36 -30.10
C ALA A 327 20.62 -24.55 -30.12
N ILE A 328 21.00 -23.96 -28.96
CA ILE A 328 22.23 -23.19 -28.89
C ILE A 328 23.44 -24.10 -29.05
N GLY A 329 23.36 -25.31 -28.51
CA GLY A 329 24.41 -26.31 -28.69
C GLY A 329 24.28 -27.10 -29.98
N GLN A 353 25.83 -34.36 -24.50
CA GLN A 353 27.21 -34.81 -24.32
C GLN A 353 28.20 -33.80 -24.88
N LEU A 354 27.86 -33.21 -26.02
CA LEU A 354 28.73 -32.19 -26.60
C LEU A 354 28.81 -30.98 -25.70
N LEU A 355 27.68 -30.57 -25.09
CA LEU A 355 27.69 -29.42 -24.16
C LEU A 355 28.71 -29.66 -23.06
N LYS A 356 28.73 -30.86 -22.52
CA LYS A 356 29.69 -31.13 -21.44
C LYS A 356 31.11 -30.98 -21.99
N LYS A 357 31.36 -31.52 -23.18
CA LYS A 357 32.73 -31.49 -23.69
C LYS A 357 33.29 -30.06 -23.65
N ALA A 358 32.43 -29.08 -23.82
CA ALA A 358 32.88 -27.70 -23.96
C ALA A 358 32.89 -26.93 -22.64
N TYR A 359 31.95 -27.21 -21.73
CA TYR A 359 31.85 -26.53 -20.46
C TYR A 359 32.36 -27.35 -19.28
N GLY A 360 32.47 -28.67 -19.43
CA GLY A 360 32.94 -29.55 -18.37
C GLY A 360 31.96 -30.66 -18.07
N GLN A 361 32.49 -31.80 -17.65
CA GLN A 361 31.66 -32.92 -17.20
C GLN A 361 31.43 -32.90 -15.69
N THR A 362 32.09 -32.00 -14.97
CA THR A 362 31.83 -31.76 -13.55
C THR A 362 31.47 -30.30 -13.35
N ASN A 363 30.60 -30.04 -12.38
CA ASN A 363 30.29 -28.64 -12.07
C ASN A 363 31.51 -27.92 -11.54
N GLU A 364 32.38 -28.65 -10.84
CA GLU A 364 33.58 -28.02 -10.24
C GLU A 364 34.40 -27.42 -11.37
N GLN A 365 34.31 -27.99 -12.56
CA GLN A 365 35.05 -27.54 -13.76
C GLN A 365 34.32 -26.35 -14.36
N PHE A 366 33.01 -26.49 -14.57
CA PHE A 366 32.22 -25.38 -15.15
C PHE A 366 32.37 -24.13 -14.31
N GLN A 367 32.36 -24.30 -13.00
CA GLN A 367 32.51 -23.15 -12.09
C GLN A 367 33.85 -22.49 -12.36
N LYS A 368 34.95 -23.26 -12.30
CA LYS A 368 36.28 -22.68 -12.38
C LYS A 368 36.52 -21.97 -13.71
N ASN A 369 35.98 -22.52 -14.80
CA ASN A 369 36.21 -21.94 -16.12
C ASN A 369 35.28 -20.78 -16.42
N PHE A 370 34.04 -20.82 -15.95
CA PHE A 370 33.02 -19.90 -16.43
C PHE A 370 32.31 -19.09 -15.34
N ILE A 371 32.28 -19.54 -14.10
CA ILE A 371 31.56 -18.83 -13.04
C ILE A 371 32.52 -18.08 -12.12
N LYS A 372 33.57 -18.75 -11.65
CA LYS A 372 34.49 -18.14 -10.69
C LYS A 372 35.25 -16.93 -11.24
N PRO A 373 35.68 -16.89 -12.51
CA PRO A 373 36.42 -15.70 -12.98
C PRO A 373 35.67 -14.38 -12.80
N GLN A 377 38.74 -13.21 -11.15
CA GLN A 377 39.74 -12.88 -12.17
C GLN A 377 39.83 -11.36 -12.35
N THR A 378 41.01 -10.81 -12.06
CA THR A 378 41.21 -9.37 -12.14
C THR A 378 41.50 -8.93 -13.58
N THR A 391 38.11 -7.06 -11.40
CA THR A 391 37.21 -8.21 -11.45
C THR A 391 36.50 -8.29 -12.79
N VAL A 392 36.23 -9.47 -13.28
CA VAL A 392 35.56 -9.40 -14.60
C VAL A 392 34.22 -8.70 -14.44
N ALA A 393 33.51 -8.89 -13.32
CA ALA A 393 32.13 -8.43 -13.22
C ALA A 393 32.06 -6.94 -12.91
N ALA A 394 32.84 -6.48 -11.94
CA ALA A 394 32.83 -5.06 -11.61
C ALA A 394 33.31 -4.22 -12.79
N LEU A 395 34.31 -4.71 -13.52
CA LEU A 395 34.83 -3.98 -14.67
C LEU A 395 33.73 -3.75 -15.70
N MET A 396 33.01 -4.80 -16.07
CA MET A 396 32.01 -4.71 -17.12
C MET A 396 30.71 -4.02 -16.66
N SER A 397 30.71 -3.45 -15.46
CA SER A 397 29.66 -2.57 -14.99
C SER A 397 30.25 -1.30 -14.39
N SER A 398 31.42 -0.91 -14.87
CA SER A 398 32.18 0.25 -14.43
C SER A 398 32.27 1.29 -15.55
N PRO A 399 32.72 2.50 -15.23
CA PRO A 399 32.96 3.49 -16.29
C PRO A 399 33.98 3.06 -17.33
N ASN A 400 34.72 1.97 -17.09
CA ASN A 400 35.72 1.49 -18.03
C ASN A 400 35.31 0.17 -18.69
N SER A 401 34.02 -0.14 -18.69
CA SER A 401 33.57 -1.42 -19.24
C SER A 401 33.87 -1.51 -20.74
N GLY A 402 33.55 -0.45 -21.49
CA GLY A 402 33.75 -0.48 -22.93
C GLY A 402 35.22 -0.46 -23.32
N LEU A 403 36.00 0.40 -22.66
CA LEU A 403 37.44 0.43 -22.93
C LEU A 403 38.08 -0.91 -22.65
N ALA A 404 37.59 -1.64 -21.64
CA ALA A 404 38.14 -2.97 -21.34
C ALA A 404 37.91 -3.92 -22.49
N LEU A 405 36.72 -3.88 -23.11
CA LEU A 405 36.43 -4.80 -24.20
C LEU A 405 37.12 -4.38 -25.50
N ALA A 406 37.18 -3.07 -25.76
CA ALA A 406 37.82 -2.60 -26.99
C ALA A 406 39.30 -2.91 -27.02
N TYR A 407 39.98 -2.74 -25.88
CA TYR A 407 41.42 -3.00 -25.83
C TYR A 407 41.71 -4.47 -26.08
N HIS A 408 40.95 -5.37 -25.44
CA HIS A 408 41.21 -6.80 -25.58
C HIS A 408 40.71 -7.36 -26.90
N LYS A 409 39.77 -6.69 -27.56
CA LYS A 409 39.29 -7.13 -28.87
C LYS A 409 40.24 -6.65 -29.96
#